data_6JID
#
_entry.id   6JID
#
_cell.length_a   116.480
_cell.length_b   116.480
_cell.length_c   113.210
_cell.angle_alpha   90.000
_cell.angle_beta   90.000
_cell.angle_gamma   120.000
#
_symmetry.space_group_name_H-M   'P 65'
#
loop_
_entity.id
_entity.type
_entity.pdbx_description
1 polymer 'Bifunctional methylenetetrahydrofolate dehydrogenase/cyclohydrolase, mitochondrial'
2 non-polymer 5-(4-oxo-2-phenyl-1,5,7,8-tetrahydropyrido[4,3-d]pyrimidine-6(4H)-carbonyl)-1,3-dihydro-2H-2lambda~6~,1-benzothiazole-2,2-dione
3 non-polymer 'PHOSPHATE ION'
4 non-polymer GLYCEROL
5 water water
#
_entity_poly.entity_id   1
_entity_poly.type   'polypeptide(L)'
_entity_poly.pdbx_seq_one_letter_code
;MGSSHHHHHHSSGENLYFQGEAVVISGRKLAQQIKQEVRQEVEEWVASGNKRPHLSVILVGENPASHSYVLNKTRAAAVV
GINSETIMKPASISEEELLNLINKLNNDDNVDGLLVQLPLPEHIDERRICNAVSPDKDVDGFHVINVGRMCLDQYSMLPA
TPWGVWEIIKRTGIPTLGKNVVVAGRSKNVGMPIAMLLHTDGAHERPGGDATVTISHRYTPKEQLKKHTILADIVISAAG
IPNLITADMIKEGAAVIDVGINRVHDPVTAKPKLVGDVDFEGVRQKAGYITPVPGGVGPMTVAMLMKNTIIAAKKVLRLE
ERE
;
_entity_poly.pdbx_strand_id   A,B
#
# COMPACT_ATOMS: atom_id res chain seq x y z
N GLU A 21 25.63 22.85 -12.54
CA GLU A 21 24.27 22.40 -12.86
C GLU A 21 24.03 21.05 -12.18
N ALA A 22 23.04 20.30 -12.70
CA ALA A 22 22.62 19.07 -12.05
C ALA A 22 23.39 17.88 -12.61
N VAL A 23 23.90 17.03 -11.70
CA VAL A 23 24.38 15.73 -12.14
C VAL A 23 23.21 15.03 -12.81
N VAL A 24 23.47 14.58 -14.04
CA VAL A 24 22.51 13.83 -14.82
C VAL A 24 22.90 12.37 -14.69
N ILE A 25 21.91 11.51 -14.47
CA ILE A 25 22.18 10.15 -14.03
C ILE A 25 21.85 9.24 -15.19
N SER A 26 22.78 8.36 -15.58
CA SER A 26 22.42 7.60 -16.77
C SER A 26 21.77 6.28 -16.38
N GLY A 27 20.45 6.23 -16.57
CA GLY A 27 19.74 4.97 -16.48
C GLY A 27 20.21 3.94 -17.49
N ARG A 28 20.58 4.38 -18.71
CA ARG A 28 21.13 3.47 -19.71
C ARG A 28 22.32 2.72 -19.10
N LYS A 29 23.30 3.49 -18.58
CA LYS A 29 24.54 2.98 -18.01
C LYS A 29 24.28 2.13 -16.76
N LEU A 30 23.53 2.70 -15.80
CA LEU A 30 23.22 2.00 -14.57
C LEU A 30 22.56 0.66 -14.85
N ALA A 31 21.63 0.64 -15.82
CA ALA A 31 20.93 -0.57 -16.17
C ALA A 31 21.89 -1.59 -16.77
N GLN A 32 22.94 -1.09 -17.44
CA GLN A 32 23.85 -2.00 -18.13
C GLN A 32 24.75 -2.66 -17.09
N GLN A 33 25.15 -1.84 -16.14
CA GLN A 33 25.88 -2.41 -15.03
C GLN A 33 25.08 -3.57 -14.45
N ILE A 34 23.88 -3.25 -13.94
CA ILE A 34 22.98 -4.19 -13.28
C ILE A 34 22.83 -5.47 -14.10
N LYS A 35 22.74 -5.33 -15.42
CA LYS A 35 22.51 -6.51 -16.23
C LYS A 35 23.78 -7.36 -16.22
N GLN A 36 24.92 -6.69 -15.96
CA GLN A 36 26.21 -7.36 -15.95
C GLN A 36 26.27 -8.26 -14.71
N GLU A 37 25.97 -7.69 -13.55
CA GLU A 37 25.71 -8.49 -12.38
C GLU A 37 24.81 -9.66 -12.75
N VAL A 38 23.68 -9.40 -13.40
CA VAL A 38 22.76 -10.52 -13.59
C VAL A 38 23.43 -11.55 -14.47
N ARG A 39 24.10 -11.11 -15.54
CA ARG A 39 24.77 -12.03 -16.45
C ARG A 39 25.64 -13.03 -15.67
N GLN A 40 26.37 -12.50 -14.68
CA GLN A 40 27.38 -13.24 -13.92
C GLN A 40 26.67 -14.22 -13.01
N GLU A 41 25.68 -13.71 -12.29
CA GLU A 41 24.93 -14.51 -11.35
C GLU A 41 24.29 -15.68 -12.11
N VAL A 42 23.89 -15.44 -13.37
CA VAL A 42 23.28 -16.51 -14.14
C VAL A 42 24.35 -17.47 -14.60
N GLU A 43 25.44 -16.91 -15.13
CA GLU A 43 26.63 -17.71 -15.44
C GLU A 43 26.95 -18.66 -14.28
N GLU A 44 26.93 -18.13 -13.05
CA GLU A 44 27.30 -18.93 -11.90
C GLU A 44 26.29 -20.05 -11.72
N TRP A 45 25.01 -19.66 -11.80
CA TRP A 45 23.93 -20.59 -11.49
C TRP A 45 23.97 -21.76 -12.47
N VAL A 46 24.29 -21.48 -13.75
CA VAL A 46 24.33 -22.51 -14.78
C VAL A 46 25.58 -23.38 -14.59
N ALA A 47 26.74 -22.73 -14.35
CA ALA A 47 28.00 -23.45 -14.25
C ALA A 47 28.02 -24.36 -13.02
N SER A 48 27.20 -24.07 -12.00
CA SER A 48 26.95 -25.05 -10.95
C SER A 48 26.05 -26.18 -11.45
N GLY A 49 25.65 -26.12 -12.72
CA GLY A 49 24.80 -27.17 -13.29
C GLY A 49 23.37 -27.13 -12.77
N ASN A 50 22.82 -25.93 -12.59
CA ASN A 50 21.38 -25.76 -12.52
C ASN A 50 20.89 -25.47 -13.93
N LYS A 51 19.58 -25.62 -14.15
CA LYS A 51 18.98 -25.33 -15.46
C LYS A 51 19.17 -23.85 -15.79
N ARG A 52 19.32 -23.54 -17.08
CA ARG A 52 19.38 -22.14 -17.46
C ARG A 52 18.00 -21.50 -17.24
N PRO A 53 17.92 -20.24 -16.76
CA PRO A 53 16.65 -19.65 -16.34
C PRO A 53 15.85 -19.31 -17.60
N HIS A 54 14.53 -19.60 -17.53
CA HIS A 54 13.61 -19.30 -18.60
C HIS A 54 12.49 -18.33 -18.16
N LEU A 55 12.39 -17.23 -18.92
CA LEU A 55 11.34 -16.21 -18.87
C LEU A 55 10.32 -16.40 -20.00
N SER A 56 9.03 -16.50 -19.66
CA SER A 56 8.00 -16.43 -20.69
C SER A 56 7.22 -15.12 -20.62
N VAL A 57 6.97 -14.53 -21.79
CA VAL A 57 6.21 -13.31 -21.92
C VAL A 57 4.96 -13.57 -22.78
N ILE A 58 3.76 -13.19 -22.28
CA ILE A 58 2.54 -13.19 -23.09
C ILE A 58 2.19 -11.78 -23.56
N LEU A 59 2.04 -11.60 -24.91
CA LEU A 59 1.71 -10.31 -25.50
C LEU A 59 0.42 -10.44 -26.33
N VAL A 60 -0.60 -9.64 -25.99
CA VAL A 60 -1.90 -9.75 -26.64
C VAL A 60 -2.13 -8.55 -27.54
N GLY A 61 -2.42 -8.79 -28.83
CA GLY A 61 -2.85 -7.68 -29.67
C GLY A 61 -1.65 -6.97 -30.30
N GLU A 62 -1.70 -5.64 -30.37
CA GLU A 62 -0.73 -5.00 -31.23
C GLU A 62 -0.44 -3.57 -30.80
N ASN A 63 -0.68 -3.23 -29.54
CA ASN A 63 -0.16 -1.93 -29.14
C ASN A 63 1.32 -1.88 -29.58
N PRO A 64 1.72 -0.79 -30.28
CA PRO A 64 3.09 -0.65 -30.77
C PRO A 64 4.11 -0.34 -29.66
N ALA A 65 3.72 0.46 -28.66
CA ALA A 65 4.57 0.59 -27.50
C ALA A 65 4.72 -0.79 -26.83
N SER A 66 3.60 -1.46 -26.62
CA SER A 66 3.68 -2.77 -25.99
C SER A 66 4.73 -3.63 -26.70
N HIS A 67 4.74 -3.59 -28.04
CA HIS A 67 5.65 -4.43 -28.80
C HIS A 67 7.08 -4.07 -28.43
N SER A 68 7.33 -2.77 -28.46
CA SER A 68 8.63 -2.21 -28.22
C SER A 68 9.13 -2.77 -26.90
N TYR A 69 8.24 -2.78 -25.90
CA TYR A 69 8.55 -3.11 -24.51
C TYR A 69 8.93 -4.57 -24.37
N VAL A 70 8.24 -5.45 -25.08
CA VAL A 70 8.56 -6.86 -25.00
C VAL A 70 9.92 -7.06 -25.67
N LEU A 71 10.12 -6.31 -26.76
CA LEU A 71 11.33 -6.43 -27.53
C LEU A 71 12.51 -6.16 -26.59
N ASN A 72 12.41 -5.01 -25.89
CA ASN A 72 13.33 -4.58 -24.85
C ASN A 72 13.63 -5.71 -23.86
N LYS A 73 12.58 -6.34 -23.33
CA LYS A 73 12.71 -7.39 -22.33
C LYS A 73 13.27 -8.66 -22.99
N THR A 74 13.06 -8.82 -24.31
CA THR A 74 13.53 -10.03 -24.96
C THR A 74 15.04 -9.91 -25.18
N ARG A 75 15.48 -8.68 -25.47
CA ARG A 75 16.88 -8.39 -25.68
C ARG A 75 17.63 -8.63 -24.38
N ALA A 76 17.10 -8.03 -23.30
CA ALA A 76 17.72 -8.03 -21.99
C ALA A 76 18.00 -9.46 -21.54
N ALA A 77 17.03 -10.33 -21.75
CA ALA A 77 17.21 -11.71 -21.33
C ALA A 77 18.30 -12.35 -22.19
N ALA A 78 18.42 -11.87 -23.43
CA ALA A 78 19.42 -12.44 -24.34
C ALA A 78 20.79 -12.06 -23.81
N VAL A 79 21.03 -10.74 -23.68
CA VAL A 79 22.20 -10.17 -23.06
C VAL A 79 22.61 -10.90 -21.78
N VAL A 80 21.69 -11.20 -20.86
CA VAL A 80 22.13 -11.69 -19.55
C VAL A 80 22.10 -13.22 -19.52
N GLY A 81 21.94 -13.85 -20.67
CA GLY A 81 21.96 -15.30 -20.69
C GLY A 81 20.70 -15.97 -20.14
N ILE A 82 19.56 -15.26 -20.20
CA ILE A 82 18.32 -15.92 -19.82
C ILE A 82 17.51 -16.33 -21.05
N ASN A 83 17.04 -17.59 -21.04
CA ASN A 83 16.24 -18.01 -22.18
C ASN A 83 14.88 -17.29 -22.20
N SER A 84 14.46 -16.84 -23.39
CA SER A 84 13.18 -16.14 -23.55
C SER A 84 12.32 -16.75 -24.64
N GLU A 85 11.02 -16.42 -24.56
CA GLU A 85 10.07 -16.56 -25.66
C GLU A 85 8.88 -15.64 -25.41
N THR A 86 8.38 -15.05 -26.48
CA THR A 86 7.20 -14.21 -26.44
C THR A 86 6.07 -14.92 -27.18
N ILE A 87 5.06 -15.37 -26.42
CA ILE A 87 3.80 -15.91 -26.93
C ILE A 87 2.83 -14.81 -27.32
N MET A 88 2.67 -14.60 -28.64
CA MET A 88 1.79 -13.53 -29.10
C MET A 88 0.39 -14.07 -29.37
N LYS A 89 -0.62 -13.23 -29.09
CA LYS A 89 -2.03 -13.55 -29.26
C LYS A 89 -2.77 -12.34 -29.83
N PRO A 90 -3.89 -12.60 -30.55
CA PRO A 90 -4.66 -11.50 -31.13
C PRO A 90 -5.51 -10.88 -30.03
N ALA A 91 -5.78 -9.57 -30.17
CA ALA A 91 -6.69 -8.93 -29.25
C ALA A 91 -8.01 -9.68 -29.17
N SER A 92 -8.31 -10.48 -30.20
CA SER A 92 -9.57 -11.20 -30.35
C SER A 92 -9.75 -12.16 -29.18
N ILE A 93 -8.65 -12.41 -28.46
CA ILE A 93 -8.64 -13.54 -27.53
C ILE A 93 -9.55 -13.20 -26.34
N SER A 94 -10.04 -14.26 -25.68
CA SER A 94 -10.94 -14.18 -24.54
C SER A 94 -10.15 -14.35 -23.24
N GLU A 95 -10.73 -13.83 -22.16
CA GLU A 95 -10.20 -14.01 -20.81
C GLU A 95 -10.02 -15.50 -20.49
N GLU A 96 -11.05 -16.34 -20.66
CA GLU A 96 -10.92 -17.74 -20.28
C GLU A 96 -9.75 -18.37 -21.04
N GLU A 97 -9.50 -17.89 -22.26
CA GLU A 97 -8.45 -18.49 -23.07
C GLU A 97 -7.12 -18.19 -22.37
N LEU A 98 -6.80 -16.89 -22.30
CA LEU A 98 -5.62 -16.35 -21.64
C LEU A 98 -5.30 -17.03 -20.32
N LEU A 99 -6.33 -17.41 -19.56
CA LEU A 99 -6.09 -18.04 -18.28
C LEU A 99 -5.56 -19.45 -18.50
N ASN A 100 -5.82 -20.00 -19.68
CA ASN A 100 -5.45 -21.39 -19.87
C ASN A 100 -3.99 -21.45 -20.26
N LEU A 101 -3.60 -20.50 -21.09
CA LEU A 101 -2.20 -20.32 -21.42
C LEU A 101 -1.42 -20.13 -20.12
N ILE A 102 -1.84 -19.11 -19.36
CA ILE A 102 -1.20 -18.79 -18.10
C ILE A 102 -1.19 -20.06 -17.28
N ASN A 103 -2.26 -20.85 -17.40
CA ASN A 103 -2.19 -22.03 -16.57
C ASN A 103 -1.20 -23.04 -17.12
N LYS A 104 -1.04 -23.12 -18.45
CA LYS A 104 -0.08 -24.02 -19.04
C LYS A 104 1.27 -23.74 -18.38
N LEU A 105 1.72 -22.48 -18.57
CA LEU A 105 3.01 -21.97 -18.15
C LEU A 105 3.28 -22.13 -16.65
N ASN A 106 2.27 -21.94 -15.78
CA ASN A 106 2.55 -22.07 -14.35
C ASN A 106 3.07 -23.46 -13.99
N ASN A 107 2.85 -24.43 -14.88
CA ASN A 107 3.09 -25.83 -14.54
C ASN A 107 4.29 -26.39 -15.33
N ASP A 108 4.72 -25.65 -16.35
CA ASP A 108 5.89 -25.97 -17.14
C ASP A 108 7.14 -25.64 -16.32
N ASP A 109 7.69 -26.67 -15.65
CA ASP A 109 8.81 -26.50 -14.73
C ASP A 109 10.00 -25.83 -15.41
N ASN A 110 9.94 -25.78 -16.73
CA ASN A 110 10.97 -25.07 -17.45
C ASN A 110 10.80 -23.56 -17.33
N VAL A 111 9.59 -23.08 -16.99
CA VAL A 111 9.39 -21.64 -17.01
C VAL A 111 9.63 -21.11 -15.61
N ASP A 112 10.54 -20.14 -15.48
CA ASP A 112 10.90 -19.66 -14.15
C ASP A 112 10.10 -18.40 -13.82
N GLY A 113 10.14 -17.44 -14.76
CA GLY A 113 9.36 -16.23 -14.66
C GLY A 113 8.31 -16.18 -15.77
N LEU A 114 7.14 -15.64 -15.45
CA LEU A 114 6.04 -15.51 -16.40
C LEU A 114 5.53 -14.06 -16.32
N LEU A 115 5.47 -13.34 -17.44
CA LEU A 115 5.05 -11.96 -17.37
C LEU A 115 4.06 -11.62 -18.49
N VAL A 116 2.99 -10.89 -18.14
CA VAL A 116 1.93 -10.61 -19.09
C VAL A 116 2.03 -9.16 -19.48
N GLN A 117 2.26 -8.88 -20.76
CA GLN A 117 2.46 -7.49 -21.13
C GLN A 117 1.14 -6.73 -20.94
N LEU A 118 1.19 -5.43 -20.60
CA LEU A 118 0.02 -4.59 -20.40
C LEU A 118 0.07 -3.36 -21.30
N PRO A 119 -1.12 -2.78 -21.63
CA PRO A 119 -2.38 -3.18 -21.01
C PRO A 119 -3.02 -4.28 -21.85
N LEU A 120 -3.96 -5.00 -21.26
CA LEU A 120 -4.72 -6.02 -21.97
C LEU A 120 -5.96 -5.35 -22.59
N PRO A 121 -6.69 -6.03 -23.51
CA PRO A 121 -7.93 -5.47 -24.05
C PRO A 121 -9.07 -5.39 -23.02
N GLU A 122 -9.93 -4.38 -23.18
CA GLU A 122 -10.93 -4.07 -22.18
C GLU A 122 -11.82 -5.26 -21.81
N HIS A 123 -11.93 -6.26 -22.68
CA HIS A 123 -12.77 -7.39 -22.33
C HIS A 123 -12.06 -8.43 -21.49
N ILE A 124 -10.81 -8.15 -21.13
CA ILE A 124 -10.10 -9.05 -20.24
C ILE A 124 -9.82 -8.32 -18.94
N ASP A 125 -10.11 -8.98 -17.81
CA ASP A 125 -9.98 -8.33 -16.51
C ASP A 125 -8.55 -8.45 -15.98
N GLU A 126 -7.84 -7.31 -15.99
CA GLU A 126 -6.43 -7.31 -15.62
C GLU A 126 -6.16 -7.95 -14.26
N ARG A 127 -6.96 -7.60 -13.25
CA ARG A 127 -6.66 -8.07 -11.91
C ARG A 127 -6.69 -9.60 -11.89
N ARG A 128 -7.64 -10.17 -12.62
CA ARG A 128 -7.82 -11.61 -12.54
C ARG A 128 -6.68 -12.31 -13.26
N ILE A 129 -6.16 -11.68 -14.33
CA ILE A 129 -5.03 -12.21 -15.08
C ILE A 129 -3.81 -12.16 -14.17
N CYS A 130 -3.55 -10.96 -13.62
CA CYS A 130 -2.44 -10.77 -12.69
C CYS A 130 -2.44 -11.75 -11.52
N ASN A 131 -3.59 -12.27 -11.10
CA ASN A 131 -3.57 -13.13 -9.92
C ASN A 131 -3.55 -14.58 -10.36
N ALA A 132 -3.67 -14.76 -11.68
CA ALA A 132 -3.59 -16.07 -12.29
C ALA A 132 -2.14 -16.55 -12.26
N VAL A 133 -1.20 -15.63 -12.58
CA VAL A 133 0.23 -15.92 -12.66
C VAL A 133 0.70 -16.45 -11.31
N SER A 134 1.47 -17.53 -11.33
CA SER A 134 1.95 -18.07 -10.07
C SER A 134 2.85 -17.03 -9.38
N PRO A 135 2.65 -16.76 -8.09
CA PRO A 135 3.44 -15.75 -7.40
C PRO A 135 4.93 -16.04 -7.46
N ASP A 136 5.30 -17.32 -7.51
CA ASP A 136 6.71 -17.66 -7.53
C ASP A 136 7.35 -17.36 -8.90
N LYS A 137 6.54 -17.23 -9.96
CA LYS A 137 7.03 -16.82 -11.27
C LYS A 137 6.69 -15.37 -11.60
N ASP A 138 6.05 -14.68 -10.66
CA ASP A 138 5.43 -13.40 -10.94
C ASP A 138 6.51 -12.31 -11.00
N VAL A 139 7.28 -12.27 -12.10
CA VAL A 139 8.39 -11.34 -12.16
C VAL A 139 7.94 -9.88 -12.23
N ASP A 140 6.65 -9.61 -12.49
CA ASP A 140 6.17 -8.24 -12.47
C ASP A 140 5.82 -7.81 -11.02
N GLY A 141 5.60 -8.80 -10.15
CA GLY A 141 5.21 -8.58 -8.78
C GLY A 141 3.82 -7.95 -8.66
N PHE A 142 2.91 -8.27 -9.58
CA PHE A 142 1.61 -7.61 -9.59
C PHE A 142 0.54 -8.53 -8.97
N HIS A 143 0.90 -9.78 -8.69
CA HIS A 143 -0.01 -10.68 -8.01
C HIS A 143 -0.39 -10.13 -6.63
N VAL A 144 -1.62 -10.42 -6.19
CA VAL A 144 -2.15 -9.85 -4.97
C VAL A 144 -1.26 -10.19 -3.76
N ILE A 145 -0.70 -11.40 -3.74
CA ILE A 145 0.10 -11.79 -2.59
C ILE A 145 1.41 -11.00 -2.56
N ASN A 146 2.02 -10.76 -3.72
CA ASN A 146 3.22 -9.96 -3.79
C ASN A 146 2.92 -8.52 -3.37
N VAL A 147 1.71 -8.04 -3.70
CA VAL A 147 1.41 -6.65 -3.40
C VAL A 147 1.25 -6.57 -1.89
N GLY A 148 0.45 -7.52 -1.38
CA GLY A 148 0.20 -7.63 0.04
C GLY A 148 1.52 -7.68 0.78
N ARG A 149 2.39 -8.60 0.33
CA ARG A 149 3.66 -8.83 1.01
C ARG A 149 4.49 -7.55 0.99
N MET A 150 4.53 -6.88 -0.17
CA MET A 150 5.31 -5.66 -0.28
C MET A 150 4.75 -4.61 0.67
N CYS A 151 3.42 -4.57 0.78
CA CYS A 151 2.84 -3.54 1.61
C CYS A 151 3.03 -3.85 3.08
N LEU A 152 3.37 -5.11 3.39
CA LEU A 152 3.65 -5.42 4.77
C LEU A 152 5.17 -5.45 5.02
N ASP A 153 5.96 -4.99 4.04
CA ASP A 153 7.40 -4.83 4.23
C ASP A 153 8.10 -6.18 4.33
N GLN A 154 7.49 -7.23 3.77
CA GLN A 154 8.08 -8.56 3.76
C GLN A 154 8.82 -8.82 2.45
N TYR A 155 9.66 -9.85 2.42
CA TYR A 155 10.30 -10.26 1.19
C TYR A 155 9.22 -10.48 0.16
N SER A 156 9.46 -10.02 -1.07
CA SER A 156 8.52 -10.28 -2.15
C SER A 156 9.19 -10.03 -3.49
N MET A 157 8.57 -10.52 -4.55
CA MET A 157 8.94 -10.08 -5.88
C MET A 157 8.51 -8.62 -6.02
N LEU A 158 9.47 -7.70 -5.86
CA LEU A 158 9.19 -6.28 -6.03
C LEU A 158 8.89 -6.00 -7.49
N PRO A 159 7.94 -5.10 -7.77
CA PRO A 159 7.74 -4.60 -9.13
C PRO A 159 8.91 -3.79 -9.65
N ALA A 160 9.12 -3.91 -10.96
CA ALA A 160 10.34 -3.57 -11.63
C ALA A 160 10.57 -2.06 -11.67
N THR A 161 9.53 -1.28 -12.01
CA THR A 161 9.77 0.14 -12.20
C THR A 161 10.06 0.80 -10.85
N PRO A 162 9.29 0.51 -9.78
CA PRO A 162 9.59 1.09 -8.48
C PRO A 162 10.96 0.63 -8.00
N TRP A 163 11.30 -0.64 -8.25
CA TRP A 163 12.58 -1.18 -7.83
C TRP A 163 13.74 -0.48 -8.57
N GLY A 164 13.64 -0.41 -9.90
CA GLY A 164 14.44 0.53 -10.68
C GLY A 164 14.62 1.88 -10.01
N VAL A 165 13.53 2.58 -9.71
CA VAL A 165 13.62 3.93 -9.14
C VAL A 165 14.48 3.93 -7.88
N TRP A 166 14.28 2.91 -7.05
CA TRP A 166 14.95 2.80 -5.78
C TRP A 166 16.44 2.55 -6.04
N GLU A 167 16.72 1.73 -7.07
CA GLU A 167 18.10 1.44 -7.41
C GLU A 167 18.81 2.70 -7.90
N ILE A 168 18.15 3.48 -8.76
CA ILE A 168 18.73 4.75 -9.13
C ILE A 168 19.12 5.49 -7.86
N ILE A 169 18.16 5.60 -6.95
CA ILE A 169 18.43 6.43 -5.81
C ILE A 169 19.56 5.80 -5.00
N LYS A 170 19.51 4.49 -4.73
CA LYS A 170 20.48 3.93 -3.79
C LYS A 170 21.87 3.85 -4.40
N ARG A 171 21.94 3.65 -5.73
CA ARG A 171 23.28 3.52 -6.28
C ARG A 171 23.92 4.88 -6.52
N THR A 172 23.12 5.94 -6.60
CA THR A 172 23.70 7.26 -6.78
C THR A 172 24.09 7.87 -5.43
N GLY A 173 23.94 7.12 -4.33
CA GLY A 173 24.29 7.65 -3.02
C GLY A 173 23.35 8.74 -2.50
N ILE A 174 22.19 8.98 -3.16
CA ILE A 174 21.27 9.99 -2.67
C ILE A 174 20.55 9.47 -1.43
N PRO A 175 20.62 10.16 -0.28
CA PRO A 175 19.97 9.68 0.96
C PRO A 175 18.46 9.89 0.94
N THR A 176 17.77 9.12 1.77
CA THR A 176 16.31 9.15 1.84
C THR A 176 15.86 9.29 3.29
N LEU A 177 16.56 8.59 4.20
CA LEU A 177 16.12 8.57 5.58
C LEU A 177 16.03 9.98 6.15
N GLY A 178 14.85 10.32 6.67
CA GLY A 178 14.56 11.64 7.20
C GLY A 178 14.06 12.61 6.13
N LYS A 179 14.21 12.23 4.85
CA LYS A 179 14.12 13.21 3.79
C LYS A 179 12.68 13.36 3.34
N ASN A 180 12.40 14.51 2.72
CA ASN A 180 11.10 14.78 2.16
C ASN A 180 11.08 14.34 0.71
N VAL A 181 10.02 13.60 0.35
CA VAL A 181 9.88 13.00 -0.97
C VAL A 181 8.47 13.19 -1.47
N VAL A 182 8.36 13.60 -2.72
CA VAL A 182 7.05 13.63 -3.33
C VAL A 182 7.05 12.70 -4.54
N VAL A 183 6.00 11.89 -4.63
CA VAL A 183 5.74 11.03 -5.76
C VAL A 183 4.43 11.51 -6.38
N ALA A 184 4.46 11.89 -7.65
CA ALA A 184 3.21 12.31 -8.26
C ALA A 184 2.73 11.19 -9.15
N GLY A 185 1.50 10.75 -8.88
CA GLY A 185 0.96 9.53 -9.46
C GLY A 185 0.76 8.46 -8.39
N ARG A 186 -0.16 7.54 -8.63
CA ARG A 186 -0.54 6.62 -7.59
C ARG A 186 -1.05 5.36 -8.26
N SER A 187 -0.58 5.09 -9.49
CA SER A 187 -0.88 3.81 -10.10
C SER A 187 -0.42 2.70 -9.17
N LYS A 188 -1.13 1.58 -9.28
CA LYS A 188 -0.97 0.49 -8.36
C LYS A 188 0.36 -0.20 -8.67
N ASN A 189 0.88 0.03 -9.85
CA ASN A 189 2.07 -0.73 -10.18
C ASN A 189 3.27 0.19 -10.40
N VAL A 190 3.11 1.50 -10.22
CA VAL A 190 4.28 2.36 -10.24
C VAL A 190 4.24 3.31 -9.04
N GLY A 191 3.26 4.21 -9.00
CA GLY A 191 3.34 5.27 -8.01
C GLY A 191 3.18 4.75 -6.59
N MET A 192 2.17 3.90 -6.40
CA MET A 192 1.88 3.50 -5.04
C MET A 192 3.07 2.71 -4.49
N PRO A 193 3.63 1.68 -5.18
CA PRO A 193 4.77 0.95 -4.64
C PRO A 193 6.00 1.81 -4.48
N ILE A 194 6.12 2.85 -5.32
CA ILE A 194 7.28 3.69 -5.10
C ILE A 194 7.14 4.33 -3.74
N ALA A 195 5.95 4.92 -3.49
CA ALA A 195 5.68 5.61 -2.24
C ALA A 195 5.80 4.63 -1.06
N MET A 196 5.39 3.38 -1.32
CA MET A 196 5.44 2.38 -0.28
C MET A 196 6.91 2.10 0.03
N LEU A 197 7.73 1.85 -1.01
CA LEU A 197 9.14 1.59 -0.74
C LEU A 197 9.76 2.73 0.04
N LEU A 198 9.52 3.95 -0.42
CA LEU A 198 10.35 5.03 0.05
C LEU A 198 10.02 5.44 1.49
N HIS A 199 8.76 5.22 1.93
CA HIS A 199 8.40 5.72 3.24
C HIS A 199 8.65 4.70 4.35
N THR A 200 8.96 3.44 4.02
CA THR A 200 8.92 2.41 5.04
C THR A 200 10.26 2.17 5.74
N ASP A 201 10.15 1.42 6.83
CA ASP A 201 11.22 1.18 7.78
C ASP A 201 12.41 0.50 7.11
N GLY A 202 13.60 1.05 7.33
CA GLY A 202 14.81 0.45 6.80
C GLY A 202 15.11 -0.88 7.50
N ALA A 203 14.37 -1.15 8.59
CA ALA A 203 14.69 -2.27 9.46
C ALA A 203 13.85 -3.52 9.15
N HIS A 204 12.74 -3.40 8.40
CA HIS A 204 11.87 -4.56 8.16
C HIS A 204 12.52 -5.54 7.20
N GLU A 205 11.92 -6.73 7.04
CA GLU A 205 12.44 -7.73 6.14
C GLU A 205 12.81 -7.13 4.78
N ARG A 206 11.87 -6.41 4.14
CA ARG A 206 12.22 -5.69 2.92
C ARG A 206 12.42 -4.23 3.29
N PRO A 207 13.69 -3.78 3.43
CA PRO A 207 13.97 -2.43 3.89
C PRO A 207 13.28 -1.44 2.96
N GLY A 208 12.83 -0.34 3.55
CA GLY A 208 12.35 0.80 2.81
C GLY A 208 13.18 2.02 3.19
N GLY A 209 12.68 3.20 2.82
CA GLY A 209 13.52 4.36 2.60
C GLY A 209 13.57 5.25 3.82
N ASP A 210 12.56 5.08 4.68
CA ASP A 210 12.48 5.85 5.90
C ASP A 210 12.32 7.33 5.56
N ALA A 211 11.84 7.63 4.35
CA ALA A 211 11.56 9.01 3.99
C ALA A 211 10.14 9.42 4.41
N THR A 212 9.91 10.73 4.36
CA THR A 212 8.61 11.32 4.59
C THR A 212 7.98 11.57 3.24
N VAL A 213 6.85 10.91 2.96
CA VAL A 213 6.44 10.84 1.56
C VAL A 213 5.09 11.51 1.32
N THR A 214 5.00 12.21 0.20
CA THR A 214 3.75 12.81 -0.22
C THR A 214 3.31 12.18 -1.55
N ILE A 215 2.07 11.67 -1.58
CA ILE A 215 1.45 11.14 -2.77
C ILE A 215 0.55 12.24 -3.35
N SER A 216 0.84 12.62 -4.61
CA SER A 216 0.04 13.55 -5.40
C SER A 216 -0.60 12.76 -6.54
N HIS A 217 -1.63 13.34 -7.18
CA HIS A 217 -2.32 12.69 -8.27
C HIS A 217 -3.22 13.67 -9.04
N ARG A 218 -4.08 13.09 -9.87
CA ARG A 218 -4.89 13.84 -10.82
C ARG A 218 -5.84 14.84 -10.14
N TYR A 219 -5.94 14.85 -8.81
CA TYR A 219 -6.81 15.82 -8.17
C TYR A 219 -6.05 16.63 -7.15
N THR A 220 -4.71 16.57 -7.21
CA THR A 220 -3.97 17.56 -6.45
C THR A 220 -4.09 18.89 -7.20
N PRO A 221 -4.31 20.03 -6.50
CA PRO A 221 -4.28 21.32 -7.17
C PRO A 221 -2.83 21.70 -7.46
N LYS A 222 -2.56 22.12 -8.71
CA LYS A 222 -1.20 22.47 -9.10
C LYS A 222 -0.51 23.34 -8.04
N GLU A 223 -1.23 24.22 -7.36
CA GLU A 223 -0.59 25.09 -6.38
C GLU A 223 -0.17 24.28 -5.16
N GLN A 224 -0.96 23.26 -4.85
CA GLN A 224 -0.73 22.48 -3.64
C GLN A 224 0.41 21.50 -3.92
N LEU A 225 0.43 20.94 -5.13
CA LEU A 225 1.54 20.11 -5.58
C LEU A 225 2.83 20.90 -5.40
N LYS A 226 2.88 22.05 -6.09
CA LYS A 226 4.07 22.89 -6.06
C LYS A 226 4.42 23.17 -4.61
N LYS A 227 3.41 23.36 -3.76
CA LYS A 227 3.71 23.75 -2.39
C LYS A 227 4.49 22.63 -1.69
N HIS A 228 4.18 21.36 -2.05
CA HIS A 228 4.84 20.19 -1.47
C HIS A 228 6.20 19.92 -2.12
N THR A 229 6.25 19.94 -3.45
CA THR A 229 7.50 19.75 -4.17
C THR A 229 8.59 20.70 -3.65
N ILE A 230 8.24 21.98 -3.45
CA ILE A 230 9.17 23.01 -3.00
C ILE A 230 9.88 22.61 -1.70
N LEU A 231 9.30 21.65 -0.95
CA LEU A 231 9.93 21.28 0.31
C LEU A 231 10.76 20.01 0.13
N ALA A 232 10.74 19.45 -1.10
CA ALA A 232 11.19 18.08 -1.38
C ALA A 232 12.70 18.01 -1.65
N ASP A 233 13.37 17.07 -0.94
CA ASP A 233 14.71 16.62 -1.27
C ASP A 233 14.71 15.64 -2.45
N ILE A 234 13.62 14.88 -2.63
CA ILE A 234 13.53 14.03 -3.81
C ILE A 234 12.15 14.16 -4.44
N VAL A 235 12.11 14.41 -5.74
CA VAL A 235 10.83 14.47 -6.40
C VAL A 235 10.80 13.38 -7.45
N ILE A 236 9.74 12.56 -7.42
CA ILE A 236 9.63 11.38 -8.27
C ILE A 236 8.30 11.50 -8.99
N SER A 237 8.37 11.63 -10.32
CA SER A 237 7.16 11.89 -11.08
C SER A 237 6.78 10.67 -11.87
N ALA A 238 5.56 10.17 -11.63
CA ALA A 238 5.04 9.08 -12.43
C ALA A 238 3.61 9.41 -12.85
N ALA A 239 3.40 10.63 -13.34
CA ALA A 239 2.06 11.07 -13.70
C ALA A 239 1.78 10.81 -15.18
N GLY A 240 2.81 10.91 -16.04
CA GLY A 240 2.55 10.82 -17.47
C GLY A 240 1.92 12.10 -17.99
N ILE A 241 2.54 13.23 -17.63
CA ILE A 241 2.11 14.57 -17.94
C ILE A 241 3.33 15.45 -18.23
N PRO A 242 3.57 15.80 -19.52
CA PRO A 242 4.67 16.70 -19.87
C PRO A 242 4.71 18.00 -19.07
N ASN A 243 5.92 18.45 -18.78
CA ASN A 243 6.15 19.74 -18.16
C ASN A 243 5.34 19.89 -16.89
N LEU A 244 4.98 18.75 -16.29
CA LEU A 244 4.36 18.79 -14.97
C LEU A 244 5.32 19.42 -13.95
N ILE A 245 6.59 19.04 -14.02
CA ILE A 245 7.56 19.46 -13.03
C ILE A 245 8.50 20.49 -13.65
N THR A 246 8.39 21.73 -13.15
CA THR A 246 9.11 22.87 -13.67
C THR A 246 9.94 23.44 -12.54
N ALA A 247 11.01 24.16 -12.90
CA ALA A 247 12.15 24.38 -12.00
C ALA A 247 11.76 25.22 -10.79
N ASP A 248 10.58 25.86 -10.91
CA ASP A 248 10.00 26.72 -9.89
C ASP A 248 9.31 25.87 -8.83
N MET A 249 9.10 24.58 -9.15
CA MET A 249 8.49 23.57 -8.29
C MET A 249 9.57 22.94 -7.38
N ILE A 250 10.84 23.02 -7.81
CA ILE A 250 11.92 22.21 -7.27
C ILE A 250 12.78 23.01 -6.30
N LYS A 251 13.09 22.43 -5.13
CA LYS A 251 14.04 23.06 -4.23
C LYS A 251 15.43 22.99 -4.86
N GLU A 252 16.33 23.87 -4.39
CA GLU A 252 17.69 23.94 -4.90
C GLU A 252 18.52 22.78 -4.34
N GLY A 253 19.06 21.97 -5.25
CA GLY A 253 19.93 20.84 -4.90
C GLY A 253 19.24 19.49 -5.01
N ALA A 254 17.90 19.53 -5.11
CA ALA A 254 17.01 18.38 -5.03
C ALA A 254 17.38 17.32 -6.06
N ALA A 255 17.01 16.06 -5.79
CA ALA A 255 17.12 15.01 -6.77
C ALA A 255 15.76 14.85 -7.44
N VAL A 256 15.75 14.78 -8.77
CA VAL A 256 14.50 14.68 -9.50
C VAL A 256 14.54 13.46 -10.41
N ILE A 257 13.64 12.49 -10.12
CA ILE A 257 13.59 11.23 -10.86
C ILE A 257 12.39 11.28 -11.78
N ASP A 258 12.60 11.01 -13.08
CA ASP A 258 11.54 11.13 -14.07
C ASP A 258 11.07 9.76 -14.57
N VAL A 259 9.87 9.36 -14.13
CA VAL A 259 9.29 8.07 -14.45
C VAL A 259 8.34 8.21 -15.63
N GLY A 260 8.14 9.46 -16.07
CA GLY A 260 7.21 9.71 -17.17
C GLY A 260 7.72 9.16 -18.49
N ILE A 261 6.78 8.71 -19.32
CA ILE A 261 7.08 8.19 -20.63
C ILE A 261 5.97 8.62 -21.58
N ASN A 262 6.12 9.84 -22.13
CA ASN A 262 5.08 10.62 -22.77
C ASN A 262 5.41 10.79 -24.27
N ARG A 263 4.45 10.45 -25.15
CA ARG A 263 4.63 10.44 -26.61
C ARG A 263 4.00 11.66 -27.30
N VAL A 264 4.77 12.75 -27.55
CA VAL A 264 4.32 13.94 -28.25
C VAL A 264 5.00 14.07 -29.61
N HIS A 265 4.89 15.28 -30.23
CA HIS A 265 5.42 15.58 -31.55
C HIS A 265 6.04 16.99 -31.57
N ASP A 266 7.14 17.17 -32.33
CA ASP A 266 7.80 18.46 -32.52
C ASP A 266 8.67 18.39 -33.78
N LYS A 271 7.74 15.51 -36.43
CA LYS A 271 8.40 14.24 -36.04
C LYS A 271 7.86 13.79 -34.68
N PRO A 272 7.63 12.46 -34.44
CA PRO A 272 7.10 11.96 -33.17
C PRO A 272 8.07 11.32 -32.16
N LYS A 273 8.27 11.94 -30.97
CA LYS A 273 9.28 11.53 -30.00
C LYS A 273 8.69 11.20 -28.62
N LEU A 274 9.50 11.40 -27.54
CA LEU A 274 9.21 10.94 -26.18
C LEU A 274 9.81 11.87 -25.11
N VAL A 275 9.00 12.26 -24.10
CA VAL A 275 9.46 13.13 -23.02
C VAL A 275 9.06 12.60 -21.66
N GLY A 276 9.70 13.14 -20.61
CA GLY A 276 9.31 12.90 -19.23
C GLY A 276 8.18 13.84 -18.79
N ASP A 277 8.03 13.98 -17.48
CA ASP A 277 7.07 14.84 -16.83
C ASP A 277 7.84 16.06 -16.32
N VAL A 278 9.17 15.96 -16.39
CA VAL A 278 10.03 17.06 -15.95
C VAL A 278 10.33 17.95 -17.15
N ASP A 279 10.41 19.26 -16.90
CA ASP A 279 11.02 20.18 -17.85
C ASP A 279 12.53 20.00 -17.74
N PHE A 280 13.05 19.06 -18.53
CA PHE A 280 14.42 18.59 -18.34
C PHE A 280 15.34 19.79 -18.37
N GLU A 281 15.17 20.56 -19.45
CA GLU A 281 16.02 21.69 -19.79
C GLU A 281 15.95 22.75 -18.69
N GLY A 282 14.72 23.08 -18.26
CA GLY A 282 14.58 24.02 -17.16
C GLY A 282 15.23 23.52 -15.86
N VAL A 283 14.78 22.33 -15.43
CA VAL A 283 14.97 21.84 -14.08
C VAL A 283 16.43 21.50 -13.83
N ARG A 284 17.07 21.06 -14.92
CA ARG A 284 18.48 20.64 -14.94
C ARG A 284 19.35 21.72 -14.30
N GLN A 285 18.88 22.97 -14.31
CA GLN A 285 19.75 24.06 -13.94
C GLN A 285 19.47 24.49 -12.50
N LYS A 286 18.61 23.70 -11.82
CA LYS A 286 18.21 24.04 -10.46
C LYS A 286 18.48 22.84 -9.55
N ALA A 287 18.42 21.63 -10.14
CA ALA A 287 18.36 20.37 -9.42
C ALA A 287 19.77 19.84 -9.16
N GLY A 288 19.92 19.09 -8.07
CA GLY A 288 21.19 18.47 -7.74
C GLY A 288 21.48 17.20 -8.54
N TYR A 289 20.41 16.49 -8.93
CA TYR A 289 20.48 15.38 -9.89
C TYR A 289 19.18 15.31 -10.67
N ILE A 290 19.23 14.64 -11.81
CA ILE A 290 18.05 14.46 -12.62
C ILE A 290 18.23 13.21 -13.47
N THR A 291 17.11 12.59 -13.86
CA THR A 291 17.18 11.51 -14.83
C THR A 291 16.62 11.99 -16.17
N PRO A 292 17.30 11.64 -17.28
CA PRO A 292 16.80 11.94 -18.61
C PRO A 292 15.66 11.00 -19.00
N VAL A 293 14.79 11.52 -19.87
CA VAL A 293 13.94 10.67 -20.68
C VAL A 293 14.09 11.16 -22.10
N PRO A 294 14.53 10.31 -23.06
CA PRO A 294 14.91 8.92 -22.78
C PRO A 294 16.13 8.60 -21.91
N GLY A 295 16.38 7.28 -21.79
CA GLY A 295 17.57 6.70 -21.19
C GLY A 295 17.73 6.85 -19.67
N GLY A 296 16.65 7.21 -18.95
CA GLY A 296 16.67 7.12 -17.50
C GLY A 296 16.01 5.83 -17.00
N VAL A 297 14.79 5.97 -16.47
CA VAL A 297 14.11 4.91 -15.73
C VAL A 297 13.67 3.76 -16.63
N GLY A 298 13.28 4.04 -17.87
CA GLY A 298 12.78 2.96 -18.71
C GLY A 298 13.68 1.72 -18.62
N PRO A 299 14.96 1.84 -19.03
CA PRO A 299 15.87 0.67 -19.06
C PRO A 299 16.17 0.05 -17.69
N MET A 300 16.17 0.88 -16.65
CA MET A 300 16.26 0.39 -15.27
C MET A 300 15.11 -0.58 -14.98
N THR A 301 13.95 -0.35 -15.62
CA THR A 301 12.80 -1.18 -15.41
C THR A 301 13.12 -2.55 -16.00
N VAL A 302 13.65 -2.56 -17.21
CA VAL A 302 13.90 -3.83 -17.85
C VAL A 302 14.98 -4.59 -17.08
N ALA A 303 15.97 -3.84 -16.56
CA ALA A 303 17.05 -4.43 -15.76
C ALA A 303 16.49 -5.18 -14.54
N MET A 304 15.69 -4.48 -13.72
CA MET A 304 15.13 -5.16 -12.54
C MET A 304 14.29 -6.38 -12.94
N LEU A 305 13.62 -6.33 -14.09
CA LEU A 305 12.94 -7.53 -14.53
C LEU A 305 13.92 -8.71 -14.59
N MET A 306 15.14 -8.47 -15.09
CA MET A 306 16.15 -9.52 -15.20
C MET A 306 16.58 -9.99 -13.80
N LYS A 307 16.87 -9.04 -12.91
CA LYS A 307 17.02 -9.38 -11.50
C LYS A 307 15.89 -10.26 -10.99
N ASN A 308 14.61 -9.92 -11.25
CA ASN A 308 13.57 -10.74 -10.63
C ASN A 308 13.58 -12.15 -11.20
N THR A 309 14.00 -12.27 -12.45
CA THR A 309 13.91 -13.57 -13.11
C THR A 309 14.95 -14.53 -12.55
N ILE A 310 16.18 -14.05 -12.39
CA ILE A 310 17.18 -14.88 -11.76
C ILE A 310 16.69 -15.28 -10.37
N ILE A 311 16.16 -14.31 -9.62
CA ILE A 311 15.60 -14.62 -8.31
C ILE A 311 14.52 -15.68 -8.46
N ALA A 312 13.71 -15.60 -9.52
CA ALA A 312 12.59 -16.52 -9.61
C ALA A 312 13.16 -17.91 -9.85
N ALA A 313 14.19 -17.96 -10.71
CA ALA A 313 14.83 -19.20 -11.15
C ALA A 313 15.46 -19.95 -9.98
N LYS A 314 16.01 -19.20 -9.02
CA LYS A 314 16.64 -19.79 -7.85
C LYS A 314 15.62 -20.23 -6.81
N LYS A 315 14.33 -20.03 -7.07
CA LYS A 315 13.29 -20.41 -6.13
C LYS A 315 13.70 -19.99 -4.71
N VAL A 316 13.81 -18.66 -4.50
CA VAL A 316 14.37 -18.05 -3.30
C VAL A 316 13.28 -17.71 -2.28
N LEU A 317 12.05 -17.37 -2.72
CA LEU A 317 11.12 -16.62 -1.88
C LEU A 317 10.08 -17.46 -1.11
N ARG A 318 9.16 -18.12 -1.82
CA ARG A 318 8.06 -18.79 -1.14
C ARG A 318 8.14 -20.29 -1.39
N GLU B 21 -14.43 28.62 18.60
CA GLU B 21 -13.56 27.44 18.88
C GLU B 21 -13.94 26.30 17.94
N ALA B 22 -13.45 25.09 18.26
CA ALA B 22 -13.45 23.94 17.37
C ALA B 22 -14.57 22.98 17.74
N VAL B 23 -15.39 22.57 16.75
CA VAL B 23 -16.40 21.54 16.93
C VAL B 23 -15.74 20.25 17.40
N VAL B 24 -16.15 19.75 18.58
CA VAL B 24 -15.70 18.43 19.00
C VAL B 24 -16.68 17.37 18.50
N ILE B 25 -16.17 16.49 17.62
CA ILE B 25 -16.92 15.40 17.02
C ILE B 25 -17.03 14.31 18.08
N SER B 26 -18.23 13.77 18.29
CA SER B 26 -18.37 12.72 19.29
C SER B 26 -18.13 11.34 18.69
N GLY B 27 -17.02 10.72 19.10
CA GLY B 27 -16.74 9.37 18.67
C GLY B 27 -17.83 8.45 19.22
N ARG B 28 -18.26 8.78 20.43
CA ARG B 28 -19.24 7.98 21.13
C ARG B 28 -20.57 8.07 20.38
N LYS B 29 -20.92 9.27 19.92
CA LYS B 29 -22.23 9.43 19.31
C LYS B 29 -22.25 8.71 17.96
N LEU B 30 -21.17 8.84 17.18
CA LEU B 30 -21.11 8.27 15.84
C LEU B 30 -21.10 6.76 15.94
N ALA B 31 -20.28 6.26 16.89
CA ALA B 31 -20.25 4.83 17.11
C ALA B 31 -21.65 4.29 17.49
N GLN B 32 -22.43 5.09 18.23
CA GLN B 32 -23.81 4.72 18.56
C GLN B 32 -24.61 4.57 17.27
N GLN B 33 -24.39 5.47 16.32
CA GLN B 33 -25.16 5.55 15.09
C GLN B 33 -24.92 4.29 14.28
N ILE B 34 -23.63 3.92 14.15
CA ILE B 34 -23.18 2.86 13.26
C ILE B 34 -23.66 1.54 13.83
N LYS B 35 -23.53 1.42 15.17
CA LYS B 35 -24.02 0.27 15.91
C LYS B 35 -25.53 0.09 15.66
N GLN B 36 -26.25 1.21 15.62
CA GLN B 36 -27.68 1.12 15.33
C GLN B 36 -27.92 0.59 13.91
N GLU B 37 -27.15 1.10 12.94
CA GLU B 37 -27.25 0.62 11.57
C GLU B 37 -27.01 -0.89 11.50
N VAL B 38 -26.08 -1.39 12.34
CA VAL B 38 -25.71 -2.79 12.25
C VAL B 38 -26.77 -3.65 12.92
N ARG B 39 -27.30 -3.15 14.04
CA ARG B 39 -28.39 -3.82 14.72
C ARG B 39 -29.55 -4.03 13.76
N GLN B 40 -29.88 -3.01 12.98
CA GLN B 40 -30.99 -3.15 12.07
C GLN B 40 -30.67 -4.16 10.98
N GLU B 41 -29.45 -4.10 10.44
CA GLU B 41 -29.11 -4.97 9.32
C GLU B 41 -29.11 -6.44 9.75
N VAL B 42 -28.70 -6.67 11.00
CA VAL B 42 -28.63 -8.00 11.58
C VAL B 42 -30.05 -8.54 11.77
N GLU B 43 -30.96 -7.70 12.28
CA GLU B 43 -32.35 -8.11 12.49
C GLU B 43 -33.01 -8.49 11.15
N GLU B 44 -32.92 -7.62 10.14
CA GLU B 44 -33.47 -7.97 8.85
C GLU B 44 -32.94 -9.32 8.41
N TRP B 45 -31.61 -9.46 8.50
CA TRP B 45 -30.89 -10.62 8.01
C TRP B 45 -31.35 -11.89 8.74
N VAL B 46 -31.54 -11.78 10.06
CA VAL B 46 -32.02 -12.93 10.80
C VAL B 46 -33.48 -13.18 10.42
N ALA B 47 -34.26 -12.10 10.33
CA ALA B 47 -35.68 -12.15 10.06
C ALA B 47 -35.95 -12.80 8.69
N SER B 48 -35.03 -12.64 7.74
CA SER B 48 -35.11 -13.33 6.46
C SER B 48 -34.76 -14.80 6.64
N GLY B 49 -34.47 -15.24 7.86
CA GLY B 49 -34.29 -16.67 8.08
C GLY B 49 -32.83 -17.11 8.12
N ASN B 50 -31.89 -16.16 8.11
CA ASN B 50 -30.48 -16.54 8.19
C ASN B 50 -30.07 -16.77 9.64
N LYS B 51 -29.05 -17.61 9.78
CA LYS B 51 -28.31 -17.86 11.00
C LYS B 51 -27.91 -16.52 11.63
N ARG B 52 -28.03 -16.40 12.95
CA ARG B 52 -27.57 -15.18 13.61
C ARG B 52 -26.04 -15.10 13.62
N PRO B 53 -25.44 -13.97 13.20
CA PRO B 53 -23.98 -13.93 13.01
C PRO B 53 -23.24 -14.24 14.30
N HIS B 54 -22.13 -14.97 14.18
CA HIS B 54 -21.28 -15.24 15.34
C HIS B 54 -19.85 -14.73 15.11
N LEU B 55 -19.31 -14.04 16.13
CA LEU B 55 -17.91 -13.59 16.15
C LEU B 55 -17.13 -14.23 17.32
N SER B 56 -16.07 -15.00 17.00
CA SER B 56 -15.18 -15.45 18.05
C SER B 56 -13.90 -14.58 18.12
N VAL B 57 -13.50 -14.24 19.35
CA VAL B 57 -12.29 -13.52 19.72
C VAL B 57 -11.34 -14.47 20.46
N ILE B 58 -10.10 -14.57 19.99
CA ILE B 58 -9.08 -15.26 20.77
C ILE B 58 -8.30 -14.25 21.59
N LEU B 59 -8.20 -14.51 22.90
CA LEU B 59 -7.36 -13.70 23.75
C LEU B 59 -6.16 -14.54 24.14
N VAL B 60 -4.99 -13.90 24.27
CA VAL B 60 -3.79 -14.60 24.72
C VAL B 60 -3.06 -13.78 25.78
N GLY B 61 -2.59 -14.51 26.80
CA GLY B 61 -1.97 -13.90 27.97
C GLY B 61 -3.01 -13.06 28.68
N GLU B 62 -2.58 -11.96 29.30
CA GLU B 62 -3.31 -11.33 30.38
C GLU B 62 -2.98 -9.85 30.39
N ASN B 63 -2.62 -9.31 29.22
CA ASN B 63 -2.49 -7.87 29.12
C ASN B 63 -3.80 -7.23 29.59
N PRO B 64 -3.77 -6.39 30.64
CA PRO B 64 -4.87 -5.47 30.97
C PRO B 64 -5.67 -4.87 29.81
N ALA B 65 -4.99 -4.21 28.86
CA ALA B 65 -5.67 -3.55 27.75
C ALA B 65 -6.26 -4.58 26.79
N SER B 66 -5.51 -5.64 26.48
CA SER B 66 -6.04 -6.75 25.68
C SER B 66 -7.43 -7.18 26.19
N HIS B 67 -7.51 -7.51 27.49
CA HIS B 67 -8.70 -7.99 28.19
C HIS B 67 -9.83 -6.96 28.07
N SER B 68 -9.48 -5.69 28.23
CA SER B 68 -10.43 -4.60 28.20
C SER B 68 -11.01 -4.42 26.80
N TYR B 69 -10.15 -4.64 25.79
CA TYR B 69 -10.50 -4.43 24.39
C TYR B 69 -11.39 -5.57 23.91
N VAL B 70 -11.00 -6.82 24.23
CA VAL B 70 -11.80 -8.00 23.94
C VAL B 70 -13.21 -7.81 24.51
N LEU B 71 -13.30 -7.26 25.72
CA LEU B 71 -14.62 -7.12 26.32
C LEU B 71 -15.39 -6.03 25.59
N ASN B 72 -14.69 -4.95 25.21
CA ASN B 72 -15.30 -3.84 24.50
C ASN B 72 -15.97 -4.36 23.22
N LYS B 73 -15.32 -5.36 22.61
CA LYS B 73 -15.76 -5.96 21.36
C LYS B 73 -17.02 -6.80 21.59
N THR B 74 -16.95 -7.81 22.48
CA THR B 74 -18.07 -8.68 22.83
C THR B 74 -19.23 -7.87 23.42
N ARG B 75 -18.91 -6.76 24.06
CA ARG B 75 -20.00 -5.92 24.50
C ARG B 75 -20.80 -5.43 23.28
N ALA B 76 -20.09 -4.99 22.24
CA ALA B 76 -20.74 -4.35 21.11
C ALA B 76 -21.50 -5.38 20.28
N ALA B 77 -21.02 -6.61 20.30
CA ALA B 77 -21.64 -7.68 19.57
C ALA B 77 -23.05 -7.90 20.13
N ALA B 78 -23.12 -8.03 21.45
CA ALA B 78 -24.37 -8.32 22.11
C ALA B 78 -25.31 -7.14 21.87
N VAL B 79 -24.75 -5.94 21.84
CA VAL B 79 -25.61 -4.77 21.66
C VAL B 79 -26.25 -4.82 20.27
N VAL B 80 -25.58 -5.41 19.28
CA VAL B 80 -26.13 -5.26 17.94
C VAL B 80 -26.67 -6.61 17.48
N GLY B 81 -26.82 -7.52 18.45
CA GLY B 81 -27.46 -8.81 18.24
C GLY B 81 -26.56 -9.80 17.49
N ILE B 82 -25.24 -9.66 17.67
CA ILE B 82 -24.29 -10.64 17.16
C ILE B 82 -23.84 -11.53 18.31
N ASN B 83 -23.81 -12.85 18.09
CA ASN B 83 -23.32 -13.75 19.12
C ASN B 83 -21.79 -13.70 19.21
N SER B 84 -21.25 -13.84 20.43
CA SER B 84 -19.81 -13.82 20.64
C SER B 84 -19.35 -14.79 21.72
N GLU B 85 -18.17 -15.41 21.51
CA GLU B 85 -17.38 -16.03 22.57
C GLU B 85 -15.94 -15.56 22.50
N THR B 86 -15.47 -14.93 23.59
CA THR B 86 -14.10 -14.50 23.80
C THR B 86 -13.31 -15.65 24.42
N ILE B 87 -12.55 -16.42 23.61
CA ILE B 87 -11.74 -17.55 24.05
C ILE B 87 -10.36 -17.14 24.58
N MET B 88 -10.19 -17.09 25.92
CA MET B 88 -9.03 -16.57 26.62
C MET B 88 -8.02 -17.68 26.99
N LYS B 89 -6.71 -17.44 26.74
CA LYS B 89 -5.71 -18.49 26.86
C LYS B 89 -4.45 -17.96 27.55
N PRO B 90 -3.53 -18.88 27.94
CA PRO B 90 -2.31 -18.49 28.67
C PRO B 90 -1.18 -18.12 27.71
N ALA B 91 -0.41 -17.07 28.03
CA ALA B 91 0.80 -16.75 27.28
C ALA B 91 1.55 -18.03 26.86
N SER B 92 1.85 -18.87 27.83
CA SER B 92 2.52 -20.16 27.62
C SER B 92 1.97 -21.02 26.46
N ILE B 93 1.16 -20.48 25.55
CA ILE B 93 0.60 -21.37 24.53
C ILE B 93 1.64 -21.59 23.42
N SER B 94 1.63 -22.79 22.82
CA SER B 94 2.48 -23.07 21.67
C SER B 94 1.85 -22.48 20.42
N GLU B 95 2.71 -22.10 19.48
CA GLU B 95 2.25 -21.44 18.28
C GLU B 95 1.46 -22.43 17.44
N GLU B 96 1.89 -23.69 17.42
CA GLU B 96 1.24 -24.68 16.57
C GLU B 96 -0.12 -25.04 17.17
N GLU B 97 -0.23 -24.87 18.49
CA GLU B 97 -1.50 -25.07 19.18
C GLU B 97 -2.49 -24.07 18.58
N LEU B 98 -2.06 -22.81 18.65
CA LEU B 98 -2.84 -21.68 18.18
C LEU B 98 -3.28 -21.90 16.72
N LEU B 99 -2.35 -22.28 15.84
CA LEU B 99 -2.71 -22.49 14.44
C LEU B 99 -3.80 -23.55 14.32
N ASN B 100 -3.68 -24.63 15.13
CA ASN B 100 -4.67 -25.70 15.19
C ASN B 100 -6.01 -25.15 15.70
N LEU B 101 -6.00 -24.31 16.75
CA LEU B 101 -7.21 -23.66 17.26
C LEU B 101 -7.85 -22.85 16.13
N ILE B 102 -7.04 -22.08 15.39
CA ILE B 102 -7.63 -21.21 14.40
C ILE B 102 -8.21 -22.07 13.30
N ASN B 103 -7.54 -23.19 12.99
CA ASN B 103 -8.08 -24.02 11.93
C ASN B 103 -9.43 -24.61 12.34
N LYS B 104 -9.62 -24.82 13.65
CA LYS B 104 -10.91 -25.33 14.12
C LYS B 104 -11.93 -24.28 13.74
N LEU B 105 -11.72 -23.07 14.26
CA LEU B 105 -12.65 -21.95 14.09
C LEU B 105 -12.83 -21.63 12.61
N ASN B 106 -11.78 -21.81 11.82
CA ASN B 106 -11.93 -21.47 10.42
C ASN B 106 -12.92 -22.44 9.79
N ASN B 107 -13.11 -23.57 10.49
CA ASN B 107 -13.75 -24.70 9.85
C ASN B 107 -15.19 -24.84 10.31
N ASP B 108 -15.46 -24.32 11.52
CA ASP B 108 -16.76 -24.27 12.19
C ASP B 108 -17.70 -23.31 11.44
N ASP B 109 -18.58 -23.82 10.58
CA ASP B 109 -19.40 -22.98 9.72
C ASP B 109 -20.32 -22.08 10.54
N ASN B 110 -20.24 -22.22 11.87
CA ASN B 110 -21.03 -21.42 12.78
C ASN B 110 -20.33 -20.09 13.05
N VAL B 111 -18.98 -20.09 13.01
CA VAL B 111 -18.21 -18.86 13.13
C VAL B 111 -18.25 -18.06 11.83
N ASP B 112 -18.62 -16.77 11.91
CA ASP B 112 -18.65 -15.98 10.70
C ASP B 112 -17.40 -15.11 10.64
N GLY B 113 -17.01 -14.57 11.80
CA GLY B 113 -15.83 -13.79 11.93
C GLY B 113 -15.01 -14.24 13.13
N LEU B 114 -13.69 -14.23 12.93
CA LEU B 114 -12.75 -14.66 13.95
C LEU B 114 -11.70 -13.57 14.06
N LEU B 115 -11.40 -13.10 15.25
CA LEU B 115 -10.32 -12.13 15.31
C LEU B 115 -9.38 -12.48 16.45
N VAL B 116 -8.06 -12.36 16.19
CA VAL B 116 -7.06 -12.62 17.20
C VAL B 116 -6.66 -11.30 17.79
N GLN B 117 -6.76 -11.17 19.12
CA GLN B 117 -6.41 -9.94 19.81
C GLN B 117 -4.89 -9.79 19.84
N LEU B 118 -4.37 -8.56 19.75
CA LEU B 118 -2.94 -8.29 19.77
C LEU B 118 -2.58 -7.34 20.89
N PRO B 119 -1.31 -7.32 21.35
CA PRO B 119 -0.26 -8.12 20.73
C PRO B 119 -0.18 -9.48 21.36
N LEU B 120 0.42 -10.43 20.62
CA LEU B 120 0.70 -11.76 21.10
C LEU B 120 2.06 -11.80 21.81
N PRO B 121 2.45 -12.92 22.44
CA PRO B 121 3.75 -13.05 23.12
C PRO B 121 4.95 -13.20 22.18
N GLU B 122 6.05 -12.53 22.55
CA GLU B 122 7.21 -12.38 21.68
C GLU B 122 7.57 -13.70 21.01
N HIS B 123 7.05 -14.82 21.53
CA HIS B 123 7.51 -16.11 21.03
C HIS B 123 6.63 -16.64 19.89
N ILE B 124 5.62 -15.86 19.49
CA ILE B 124 4.74 -16.30 18.41
C ILE B 124 4.80 -15.27 17.30
N ASP B 125 4.82 -15.80 16.07
CA ASP B 125 4.86 -15.03 14.82
C ASP B 125 3.47 -14.50 14.44
N GLU B 126 3.18 -13.25 14.85
CA GLU B 126 1.97 -12.52 14.47
C GLU B 126 1.60 -12.79 13.01
N ARG B 127 2.57 -12.57 12.13
CA ARG B 127 2.28 -12.60 10.72
C ARG B 127 1.75 -13.97 10.33
N ARG B 128 2.38 -15.03 10.88
CA ARG B 128 2.00 -16.41 10.56
C ARG B 128 0.55 -16.64 10.98
N ILE B 129 0.20 -16.06 12.13
CA ILE B 129 -1.12 -16.12 12.73
C ILE B 129 -2.10 -15.32 11.88
N CYS B 130 -1.84 -14.01 11.79
CA CYS B 130 -2.74 -13.14 11.05
C CYS B 130 -3.11 -13.80 9.72
N ASN B 131 -2.16 -14.51 9.12
CA ASN B 131 -2.34 -15.07 7.80
C ASN B 131 -3.04 -16.43 7.88
N ALA B 132 -3.24 -16.88 9.12
CA ALA B 132 -3.84 -18.18 9.36
C ALA B 132 -5.36 -18.06 9.48
N VAL B 133 -5.85 -16.90 9.96
CA VAL B 133 -7.27 -16.59 9.99
C VAL B 133 -7.83 -16.64 8.57
N SER B 134 -8.98 -17.28 8.37
CA SER B 134 -9.55 -17.31 7.03
C SER B 134 -9.78 -15.86 6.60
N PRO B 135 -9.30 -15.48 5.41
CA PRO B 135 -9.63 -14.16 4.85
C PRO B 135 -11.11 -13.80 4.91
N ASP B 136 -11.99 -14.81 4.76
CA ASP B 136 -13.43 -14.59 4.72
C ASP B 136 -13.97 -14.31 6.12
N LYS B 137 -13.23 -14.72 7.17
CA LYS B 137 -13.65 -14.45 8.53
C LYS B 137 -12.73 -13.44 9.21
N ASP B 138 -11.92 -12.71 8.41
CA ASP B 138 -10.85 -11.87 8.93
C ASP B 138 -11.38 -10.45 9.19
N VAL B 139 -12.24 -10.32 10.20
CA VAL B 139 -12.89 -9.05 10.49
C VAL B 139 -11.88 -7.94 10.80
N ASP B 140 -10.64 -8.27 11.18
CA ASP B 140 -9.64 -7.25 11.47
C ASP B 140 -8.99 -6.75 10.18
N GLY B 141 -9.17 -7.49 9.10
CA GLY B 141 -8.55 -7.17 7.83
C GLY B 141 -7.01 -7.23 7.79
N PHE B 142 -6.36 -8.13 8.57
CA PHE B 142 -4.90 -8.11 8.63
C PHE B 142 -4.29 -9.27 7.84
N HIS B 143 -5.11 -10.11 7.22
CA HIS B 143 -4.60 -11.15 6.36
C HIS B 143 -4.02 -10.50 5.10
N VAL B 144 -2.89 -11.08 4.63
CA VAL B 144 -2.10 -10.52 3.55
C VAL B 144 -3.02 -10.31 2.34
N ILE B 145 -4.01 -11.20 2.14
CA ILE B 145 -4.89 -11.04 1.00
C ILE B 145 -5.76 -9.80 1.17
N ASN B 146 -6.17 -9.55 2.42
CA ASN B 146 -6.97 -8.37 2.71
C ASN B 146 -6.10 -7.12 2.60
N VAL B 147 -4.83 -7.22 2.97
CA VAL B 147 -3.97 -6.04 2.84
C VAL B 147 -3.74 -5.77 1.34
N GLY B 148 -3.36 -6.82 0.61
CA GLY B 148 -3.29 -6.76 -0.83
C GLY B 148 -4.52 -6.13 -1.48
N ARG B 149 -5.71 -6.70 -1.23
CA ARG B 149 -6.90 -6.19 -1.89
C ARG B 149 -7.09 -4.72 -1.55
N MET B 150 -6.83 -4.36 -0.31
CA MET B 150 -7.04 -3.00 0.10
C MET B 150 -6.08 -2.11 -0.68
N CYS B 151 -4.82 -2.53 -0.78
CA CYS B 151 -3.83 -1.66 -1.41
C CYS B 151 -4.05 -1.57 -2.93
N LEU B 152 -4.89 -2.43 -3.49
CA LEU B 152 -5.21 -2.37 -4.91
C LEU B 152 -6.59 -1.75 -5.09
N ASP B 153 -7.10 -1.12 -4.03
CA ASP B 153 -8.44 -0.54 -4.07
C ASP B 153 -9.52 -1.57 -4.46
N GLN B 154 -9.33 -2.88 -4.22
CA GLN B 154 -10.43 -3.82 -4.43
C GLN B 154 -11.33 -3.84 -3.19
N TYR B 155 -12.55 -4.37 -3.32
CA TYR B 155 -13.36 -4.76 -2.17
C TYR B 155 -12.55 -5.65 -1.24
N SER B 156 -12.80 -5.56 0.06
CA SER B 156 -11.94 -6.19 1.05
C SER B 156 -12.54 -5.96 2.43
N MET B 157 -12.04 -6.72 3.40
CA MET B 157 -12.46 -6.41 4.74
C MET B 157 -11.50 -5.35 5.26
N LEU B 158 -11.96 -4.11 5.34
CA LEU B 158 -11.12 -3.02 5.83
C LEU B 158 -10.80 -3.19 7.32
N PRO B 159 -9.55 -2.85 7.72
CA PRO B 159 -9.19 -2.77 9.14
C PRO B 159 -9.98 -1.69 9.88
N ALA B 160 -10.23 -1.94 11.17
CA ALA B 160 -11.35 -1.22 11.77
C ALA B 160 -10.95 0.20 12.12
N THR B 161 -9.71 0.40 12.61
CA THR B 161 -9.36 1.76 13.01
C THR B 161 -9.29 2.68 11.79
N PRO B 162 -8.65 2.23 10.70
CA PRO B 162 -8.69 3.00 9.47
C PRO B 162 -10.11 3.24 9.01
N TRP B 163 -10.98 2.24 9.06
CA TRP B 163 -12.30 2.49 8.51
C TRP B 163 -13.05 3.45 9.43
N GLY B 164 -12.82 3.32 10.74
CA GLY B 164 -13.36 4.23 11.73
C GLY B 164 -12.94 5.69 11.47
N VAL B 165 -11.64 5.92 11.31
CA VAL B 165 -11.17 7.25 11.00
C VAL B 165 -11.93 7.81 9.78
N TRP B 166 -12.13 6.95 8.79
CA TRP B 166 -12.71 7.42 7.55
C TRP B 166 -14.16 7.81 7.77
N GLU B 167 -14.91 6.95 8.47
CA GLU B 167 -16.33 7.19 8.73
C GLU B 167 -16.49 8.50 9.51
N ILE B 168 -15.62 8.71 10.50
CA ILE B 168 -15.63 9.93 11.29
C ILE B 168 -15.53 11.12 10.36
N ILE B 169 -14.73 10.97 9.29
CA ILE B 169 -14.49 12.09 8.41
C ILE B 169 -15.67 12.23 7.46
N LYS B 170 -16.11 11.14 6.85
CA LYS B 170 -17.20 11.25 5.89
C LYS B 170 -18.47 11.68 6.61
N ARG B 171 -18.62 11.22 7.86
CA ARG B 171 -19.87 11.45 8.55
C ARG B 171 -19.93 12.90 9.01
N THR B 172 -18.86 13.40 9.63
CA THR B 172 -18.80 14.78 10.04
C THR B 172 -19.00 15.72 8.82
N GLY B 173 -18.74 15.22 7.61
CA GLY B 173 -18.99 16.02 6.41
C GLY B 173 -17.75 16.75 5.88
N ILE B 174 -16.54 16.39 6.36
CA ILE B 174 -15.30 17.04 5.98
C ILE B 174 -14.81 16.57 4.60
N PRO B 175 -14.64 17.48 3.60
CA PRO B 175 -14.18 17.08 2.27
C PRO B 175 -12.74 16.55 2.24
N THR B 176 -12.42 15.73 1.25
CA THR B 176 -11.08 15.15 1.21
C THR B 176 -10.46 15.32 -0.18
N LEU B 177 -11.29 15.19 -1.22
CA LEU B 177 -10.82 15.33 -2.58
C LEU B 177 -10.06 16.65 -2.77
N GLY B 178 -8.93 16.59 -3.46
CA GLY B 178 -8.06 17.75 -3.61
C GLY B 178 -7.40 18.20 -2.31
N LYS B 179 -8.01 17.88 -1.18
CA LYS B 179 -7.50 18.51 0.03
C LYS B 179 -6.14 17.91 0.41
N ASN B 180 -5.46 18.52 1.40
CA ASN B 180 -4.15 18.12 1.84
C ASN B 180 -4.22 17.42 3.19
N VAL B 181 -3.77 16.16 3.23
CA VAL B 181 -3.88 15.38 4.45
C VAL B 181 -2.49 14.97 4.91
N VAL B 182 -2.30 14.85 6.22
CA VAL B 182 -1.07 14.30 6.78
C VAL B 182 -1.39 13.24 7.81
N VAL B 183 -0.58 12.17 7.85
CA VAL B 183 -0.78 11.00 8.70
C VAL B 183 0.48 10.72 9.50
N ALA B 184 0.43 10.89 10.82
CA ALA B 184 1.62 10.60 11.61
C ALA B 184 1.56 9.16 12.10
N GLY B 185 2.49 8.34 11.60
CA GLY B 185 2.46 6.92 11.86
C GLY B 185 2.29 6.12 10.56
N ARG B 186 2.89 4.94 10.54
CA ARG B 186 2.91 4.14 9.34
C ARG B 186 2.79 2.69 9.79
N SER B 187 2.10 2.48 10.92
CA SER B 187 1.85 1.10 11.37
C SER B 187 1.12 0.35 10.24
N LYS B 188 1.36 -0.96 10.13
CA LYS B 188 0.71 -1.62 9.02
C LYS B 188 -0.81 -1.72 9.23
N ASN B 189 -1.35 -1.44 10.42
CA ASN B 189 -2.78 -1.75 10.59
C ASN B 189 -3.57 -0.51 10.98
N VAL B 190 -2.85 0.61 11.07
CA VAL B 190 -3.51 1.87 11.37
C VAL B 190 -3.10 2.94 10.34
N GLY B 191 -1.83 3.38 10.42
CA GLY B 191 -1.39 4.58 9.69
C GLY B 191 -1.25 4.34 8.19
N MET B 192 -0.57 3.25 7.86
CA MET B 192 -0.43 2.93 6.46
C MET B 192 -1.82 2.76 5.82
N PRO B 193 -2.73 1.88 6.30
CA PRO B 193 -4.07 1.78 5.72
C PRO B 193 -4.87 3.09 5.69
N ILE B 194 -4.72 3.93 6.73
CA ILE B 194 -5.36 5.24 6.67
C ILE B 194 -4.82 6.01 5.46
N ALA B 195 -3.49 6.10 5.36
CA ALA B 195 -2.87 6.80 4.24
C ALA B 195 -3.31 6.18 2.92
N MET B 196 -3.47 4.85 2.90
CA MET B 196 -3.98 4.23 1.70
C MET B 196 -5.41 4.68 1.41
N LEU B 197 -6.29 4.63 2.43
CA LEU B 197 -7.67 4.96 2.09
C LEU B 197 -7.76 6.41 1.65
N LEU B 198 -7.02 7.30 2.32
CA LEU B 198 -7.27 8.70 2.03
C LEU B 198 -6.76 9.21 0.67
N HIS B 199 -5.70 8.61 0.11
CA HIS B 199 -5.12 9.15 -1.12
C HIS B 199 -5.72 8.54 -2.37
N THR B 200 -6.47 7.44 -2.25
CA THR B 200 -6.82 6.67 -3.44
C THR B 200 -8.10 7.17 -4.12
N ASP B 201 -8.39 6.56 -5.28
CA ASP B 201 -9.38 7.04 -6.24
C ASP B 201 -10.78 6.70 -5.76
N GLY B 202 -11.61 7.75 -5.58
CA GLY B 202 -13.03 7.65 -5.27
C GLY B 202 -13.75 6.77 -6.30
N ALA B 203 -13.16 6.58 -7.48
CA ALA B 203 -13.90 5.85 -8.51
C ALA B 203 -13.70 4.34 -8.38
N HIS B 204 -12.74 3.91 -7.57
CA HIS B 204 -12.35 2.50 -7.54
C HIS B 204 -13.38 1.62 -6.81
N GLU B 205 -13.35 0.30 -7.09
CA GLU B 205 -14.25 -0.65 -6.46
C GLU B 205 -14.46 -0.28 -5.00
N ARG B 206 -13.37 -0.22 -4.23
CA ARG B 206 -13.40 0.35 -2.89
C ARG B 206 -12.91 1.79 -3.00
N PRO B 207 -13.83 2.75 -2.99
CA PRO B 207 -13.46 4.14 -3.21
C PRO B 207 -12.53 4.66 -2.11
N GLY B 208 -11.70 5.64 -2.45
CA GLY B 208 -10.85 6.31 -1.47
C GLY B 208 -11.14 7.80 -1.42
N GLY B 209 -10.30 8.55 -0.68
CA GLY B 209 -10.56 9.94 -0.38
C GLY B 209 -10.15 10.94 -1.47
N ASP B 210 -9.23 10.55 -2.37
CA ASP B 210 -8.70 11.42 -3.40
C ASP B 210 -7.97 12.61 -2.76
N ALA B 211 -7.40 12.42 -1.59
CA ALA B 211 -6.66 13.50 -0.95
C ALA B 211 -5.17 13.44 -1.32
N THR B 212 -4.45 14.50 -0.95
CA THR B 212 -3.01 14.54 -1.09
C THR B 212 -2.43 14.22 0.27
N VAL B 213 -1.69 13.11 0.35
CA VAL B 213 -1.39 12.59 1.66
C VAL B 213 0.10 12.58 1.92
N THR B 214 0.45 12.89 3.17
CA THR B 214 1.83 12.85 3.60
C THR B 214 1.94 11.90 4.79
N ILE B 215 2.85 10.92 4.70
CA ILE B 215 3.07 9.94 5.76
C ILE B 215 4.37 10.32 6.45
N SER B 216 4.27 10.56 7.75
CA SER B 216 5.39 10.91 8.59
C SER B 216 5.65 9.73 9.50
N HIS B 217 6.81 9.66 10.15
CA HIS B 217 7.01 8.58 11.08
C HIS B 217 8.10 8.95 12.07
N ARG B 218 8.84 7.96 12.54
CA ARG B 218 9.73 8.21 13.65
C ARG B 218 11.02 8.87 13.17
N TYR B 219 11.26 8.87 11.86
CA TYR B 219 12.43 9.51 11.32
C TYR B 219 12.03 10.83 10.69
N THR B 220 10.83 11.30 11.01
CA THR B 220 10.50 12.65 10.59
C THR B 220 10.79 13.63 11.72
N PRO B 221 11.75 14.56 11.51
CA PRO B 221 12.13 15.51 12.55
C PRO B 221 11.03 16.56 12.70
N LYS B 222 10.84 17.02 13.94
CA LYS B 222 9.68 17.84 14.22
C LYS B 222 9.63 18.99 13.21
N GLU B 223 10.81 19.52 12.86
CA GLU B 223 10.83 20.63 11.93
C GLU B 223 9.95 20.27 10.72
N GLN B 224 10.12 19.02 10.26
CA GLN B 224 9.56 18.59 8.99
C GLN B 224 8.08 18.29 9.15
N LEU B 225 7.77 17.65 10.29
CA LEU B 225 6.39 17.44 10.68
C LEU B 225 5.62 18.75 10.46
N LYS B 226 6.04 19.78 11.23
CA LYS B 226 5.36 21.07 11.31
C LYS B 226 5.24 21.68 9.91
N LYS B 227 6.28 21.48 9.09
CA LYS B 227 6.34 22.10 7.78
C LYS B 227 5.25 21.51 6.86
N HIS B 228 4.76 20.31 7.22
CA HIS B 228 3.77 19.63 6.39
C HIS B 228 2.36 19.82 6.94
N THR B 229 2.28 19.74 8.28
CA THR B 229 1.03 19.81 9.01
C THR B 229 0.32 21.12 8.75
N ILE B 230 1.11 22.20 8.69
CA ILE B 230 0.59 23.57 8.62
C ILE B 230 -0.08 23.78 7.28
N LEU B 231 0.17 22.89 6.32
CA LEU B 231 -0.46 23.07 5.02
C LEU B 231 -1.64 22.11 4.95
N ALA B 232 -1.87 21.39 6.08
CA ALA B 232 -2.79 20.26 6.13
C ALA B 232 -4.22 20.70 6.50
N ASP B 233 -5.13 20.49 5.52
CA ASP B 233 -6.57 20.56 5.67
C ASP B 233 -7.06 19.51 6.69
N ILE B 234 -6.40 18.34 6.74
CA ILE B 234 -6.75 17.31 7.71
C ILE B 234 -5.46 16.68 8.22
N VAL B 235 -5.30 16.65 9.53
CA VAL B 235 -4.14 15.99 10.11
C VAL B 235 -4.64 14.78 10.91
N ILE B 236 -4.10 13.58 10.60
CA ILE B 236 -4.52 12.36 11.25
C ILE B 236 -3.34 11.77 12.05
N SER B 237 -3.47 11.71 13.37
CA SER B 237 -2.30 11.40 14.16
C SER B 237 -2.39 10.00 14.78
N ALA B 238 -1.48 9.13 14.36
CA ALA B 238 -1.52 7.75 14.81
C ALA B 238 -0.12 7.27 15.19
N ALA B 239 0.57 8.04 16.02
CA ALA B 239 1.98 7.80 16.24
C ALA B 239 2.20 7.13 17.59
N GLY B 240 1.28 7.36 18.51
CA GLY B 240 1.43 6.75 19.83
C GLY B 240 2.42 7.52 20.71
N ILE B 241 2.24 8.85 20.75
CA ILE B 241 3.15 9.80 21.40
C ILE B 241 2.37 10.99 21.99
N PRO B 242 2.28 11.10 23.33
CA PRO B 242 1.64 12.25 23.97
C PRO B 242 2.06 13.59 23.40
N ASN B 243 1.06 14.40 23.01
CA ASN B 243 1.25 15.83 22.77
C ASN B 243 2.00 16.10 21.46
N LEU B 244 2.25 15.06 20.66
CA LEU B 244 2.99 15.22 19.42
C LEU B 244 2.49 16.42 18.61
N ILE B 245 1.16 16.61 18.56
CA ILE B 245 0.62 17.68 17.75
C ILE B 245 0.19 18.80 18.69
N THR B 246 0.78 19.98 18.45
CA THR B 246 0.53 21.19 19.20
C THR B 246 -0.02 22.20 18.21
N ALA B 247 -0.61 23.28 18.70
CA ALA B 247 -1.50 24.12 17.87
C ALA B 247 -0.72 24.96 16.86
N ASP B 248 0.62 25.01 17.02
CA ASP B 248 1.48 25.75 16.10
C ASP B 248 1.72 24.89 14.87
N MET B 249 1.58 23.55 15.05
CA MET B 249 1.70 22.58 13.99
C MET B 249 0.45 22.66 13.11
N ILE B 250 -0.68 22.97 13.74
CA ILE B 250 -1.94 22.98 13.03
C ILE B 250 -2.17 24.34 12.38
N LYS B 251 -2.81 24.30 11.21
CA LYS B 251 -3.35 25.44 10.51
C LYS B 251 -4.76 25.70 11.06
N GLU B 252 -4.98 26.94 11.52
CA GLU B 252 -6.26 27.38 12.07
C GLU B 252 -7.40 27.00 11.13
N GLY B 253 -8.38 26.26 11.69
CA GLY B 253 -9.60 25.87 11.00
C GLY B 253 -9.62 24.40 10.56
N ALA B 254 -8.46 23.73 10.63
CA ALA B 254 -8.26 22.41 10.06
C ALA B 254 -8.93 21.34 10.92
N ALA B 255 -9.09 20.14 10.35
CA ALA B 255 -9.70 19.00 11.03
C ALA B 255 -8.61 18.17 11.67
N VAL B 256 -8.75 17.86 12.97
CA VAL B 256 -7.70 17.04 13.58
C VAL B 256 -8.26 15.79 14.24
N ILE B 257 -7.65 14.65 13.90
CA ILE B 257 -8.18 13.36 14.25
C ILE B 257 -7.18 12.60 15.10
N ASP B 258 -7.52 12.37 16.37
CA ASP B 258 -6.52 11.85 17.30
C ASP B 258 -6.74 10.35 17.49
N VAL B 259 -5.89 9.58 16.83
CA VAL B 259 -6.00 8.12 16.76
C VAL B 259 -5.08 7.55 17.83
N GLY B 260 -4.55 8.44 18.68
CA GLY B 260 -3.67 8.01 19.76
C GLY B 260 -4.44 7.41 20.93
N ILE B 261 -3.89 6.35 21.49
CA ILE B 261 -4.37 5.81 22.76
C ILE B 261 -3.11 5.45 23.55
N ASN B 262 -2.74 6.33 24.52
CA ASN B 262 -1.50 6.28 25.29
C ASN B 262 -1.73 6.38 26.80
N ARG B 263 -1.13 5.43 27.54
CA ARG B 263 -1.27 5.29 29.00
C ARG B 263 -0.22 6.11 29.75
N VAL B 264 -0.66 7.25 30.31
CA VAL B 264 0.18 8.10 31.13
C VAL B 264 -0.04 7.74 32.61
N LEU B 274 -4.82 7.45 30.36
CA LEU B 274 -4.95 7.40 28.88
C LEU B 274 -5.30 8.78 28.30
N VAL B 275 -4.38 9.32 27.49
CA VAL B 275 -4.76 10.35 26.52
C VAL B 275 -4.02 10.19 25.19
N GLY B 276 -4.25 11.16 24.30
CA GLY B 276 -4.05 11.02 22.87
C GLY B 276 -2.62 11.24 22.36
N ASP B 277 -2.57 11.81 21.15
CA ASP B 277 -1.33 12.15 20.46
C ASP B 277 -1.33 13.66 20.30
N VAL B 278 -2.53 14.26 20.44
CA VAL B 278 -2.72 15.70 20.33
C VAL B 278 -2.75 16.36 21.72
N ASP B 279 -2.69 17.70 21.72
CA ASP B 279 -2.91 18.54 22.89
C ASP B 279 -4.33 19.12 22.78
N PHE B 280 -5.26 18.56 23.57
CA PHE B 280 -6.69 18.76 23.41
C PHE B 280 -7.08 20.22 23.63
N GLU B 281 -6.97 20.67 24.89
CA GLU B 281 -7.38 22.01 25.30
C GLU B 281 -6.88 23.03 24.27
N GLY B 282 -5.54 23.07 24.11
CA GLY B 282 -4.87 24.03 23.25
C GLY B 282 -5.32 23.94 21.78
N VAL B 283 -5.04 22.80 21.14
CA VAL B 283 -5.35 22.59 19.73
C VAL B 283 -6.79 22.99 19.46
N ARG B 284 -7.67 22.73 20.45
CA ARG B 284 -9.12 22.92 20.36
C ARG B 284 -9.48 24.33 19.91
N GLN B 285 -8.66 25.33 20.30
CA GLN B 285 -8.93 26.74 20.05
C GLN B 285 -8.61 27.12 18.61
N LYS B 286 -7.62 26.43 18.00
CA LYS B 286 -7.15 26.75 16.65
C LYS B 286 -7.90 25.93 15.60
N ALA B 287 -8.18 24.66 15.95
CA ALA B 287 -8.74 23.69 15.02
C ALA B 287 -10.17 24.06 14.67
N GLY B 288 -10.59 23.66 13.46
CA GLY B 288 -11.99 23.68 13.06
C GLY B 288 -12.76 22.49 13.63
N TYR B 289 -12.16 21.29 13.56
CA TYR B 289 -12.75 20.07 14.11
C TYR B 289 -11.72 19.30 14.92
N ILE B 290 -12.20 18.46 15.83
CA ILE B 290 -11.26 17.75 16.67
C ILE B 290 -11.98 16.55 17.28
N THR B 291 -11.21 15.53 17.70
CA THR B 291 -11.79 14.35 18.31
C THR B 291 -11.12 14.13 19.67
N PRO B 292 -11.91 13.81 20.70
CA PRO B 292 -11.40 13.67 22.06
C PRO B 292 -10.65 12.37 22.27
N VAL B 293 -10.07 12.25 23.46
CA VAL B 293 -9.49 11.00 23.91
C VAL B 293 -9.53 10.99 25.43
N PRO B 294 -10.20 10.02 26.08
CA PRO B 294 -11.03 9.02 25.39
C PRO B 294 -12.26 9.58 24.66
N GLY B 295 -13.06 8.66 24.08
CA GLY B 295 -14.34 8.99 23.47
C GLY B 295 -14.23 9.45 22.01
N GLY B 296 -13.09 9.13 21.37
CA GLY B 296 -12.86 9.57 20.00
C GLY B 296 -12.93 8.41 19.01
N VAL B 297 -11.76 8.01 18.54
CA VAL B 297 -11.66 7.06 17.46
C VAL B 297 -11.91 5.67 18.04
N GLY B 298 -11.45 5.49 19.28
CA GLY B 298 -11.46 4.22 19.99
C GLY B 298 -12.78 3.50 19.76
N PRO B 299 -13.89 4.05 20.30
CA PRO B 299 -15.23 3.46 20.13
C PRO B 299 -15.63 3.18 18.69
N MET B 300 -15.22 4.05 17.74
CA MET B 300 -15.49 3.84 16.33
C MET B 300 -14.81 2.57 15.81
N THR B 301 -13.56 2.38 16.23
CA THR B 301 -12.85 1.17 15.85
C THR B 301 -13.73 -0.05 16.11
N VAL B 302 -14.36 -0.05 17.29
CA VAL B 302 -15.18 -1.18 17.67
C VAL B 302 -16.44 -1.23 16.81
N ALA B 303 -17.01 -0.07 16.51
CA ALA B 303 -18.21 -0.08 15.70
C ALA B 303 -17.92 -0.76 14.37
N MET B 304 -16.84 -0.34 13.70
CA MET B 304 -16.58 -0.83 12.35
C MET B 304 -16.40 -2.35 12.36
N LEU B 305 -15.90 -2.91 13.49
CA LEU B 305 -15.71 -4.36 13.60
C LEU B 305 -17.08 -5.04 13.49
N MET B 306 -18.09 -4.43 14.11
CA MET B 306 -19.45 -4.95 13.98
C MET B 306 -19.88 -4.91 12.52
N LYS B 307 -19.63 -3.78 11.84
CA LYS B 307 -19.93 -3.68 10.42
C LYS B 307 -19.28 -4.87 9.70
N ASN B 308 -18.00 -5.10 10.01
CA ASN B 308 -17.27 -6.15 9.33
C ASN B 308 -17.82 -7.53 9.67
N THR B 309 -18.34 -7.73 10.89
CA THR B 309 -18.82 -9.05 11.25
C THR B 309 -20.07 -9.39 10.45
N ILE B 310 -20.96 -8.40 10.28
CA ILE B 310 -22.17 -8.65 9.51
C ILE B 310 -21.81 -8.86 8.04
N ILE B 311 -20.87 -8.06 7.52
CA ILE B 311 -20.39 -8.33 6.16
C ILE B 311 -19.91 -9.78 6.08
N ALA B 312 -19.26 -10.26 7.14
CA ALA B 312 -18.67 -11.59 7.07
C ALA B 312 -19.80 -12.61 6.99
N ALA B 313 -20.70 -12.53 7.97
CA ALA B 313 -21.88 -13.35 8.05
C ALA B 313 -22.58 -13.40 6.69
N LYS B 314 -22.62 -12.28 5.98
CA LYS B 314 -23.38 -12.22 4.74
C LYS B 314 -22.63 -12.87 3.57
N LYS B 315 -21.34 -13.18 3.77
CA LYS B 315 -20.53 -13.81 2.74
C LYS B 315 -20.71 -13.11 1.41
N VAL B 316 -20.60 -11.78 1.40
CA VAL B 316 -20.74 -11.04 0.16
C VAL B 316 -19.49 -11.25 -0.67
N LEU B 317 -18.33 -11.32 0.00
CA LEU B 317 -17.06 -10.97 -0.62
C LEU B 317 -16.44 -12.12 -1.41
N ARG B 318 -16.26 -13.29 -0.77
CA ARG B 318 -15.67 -14.44 -1.47
C ARG B 318 -16.32 -15.74 -0.97
#